data_5XNK
#
_entry.id   5XNK
#
_cell.length_a   129.046
_cell.length_b   129.046
_cell.length_c   43.898
_cell.angle_alpha   90.00
_cell.angle_beta   90.00
_cell.angle_gamma   120.00
#
_symmetry.space_group_name_H-M   'P 32 2 1'
#
loop_
_entity.id
_entity.type
_entity.pdbx_description
1 polymer McyF
2 non-polymer '(2S,3S)-3-methyl-aspartic acid'
3 non-polymer '3-METHYL-BETA-D-ASPARTIC ACID'
4 water water
#
_entity_poly.entity_id   1
_entity_poly.type   'polypeptide(L)'
_entity_poly.pdbx_seq_one_letter_code
;MGHHHHHHMMKTKLPILGVLGGMGPVVTAEFLKSIYEYNPFIDKEQESPNVIVFSFPSAPDRTGSIDSGKEREFIDFIQV
NLEHLNKLADCIVIGSCTAHYALPQIPENLKDKLISLIKIADQELQEYNEPTLLLASTGTYQKKLFQEGCTTADLIISLS
ESDQKLIHEMIYKVLKRGHDPLSILRDIEALLEKYNTRSYISGCTEFHLLTKSLKLKGIDSIKAIDPLSTIAQNFSQLII
KQAQVDLVTDCHQPSNPKSP
;
_entity_poly.pdbx_strand_id   A
#
# COMPACT_ATOMS: atom_id res chain seq x y z
N LEU A 14 -0.20 22.44 11.51
CA LEU A 14 0.90 21.89 12.38
C LEU A 14 1.30 20.41 12.11
N PRO A 15 0.31 19.46 12.06
CA PRO A 15 0.70 18.04 11.96
C PRO A 15 1.11 17.64 10.54
N ILE A 16 2.21 16.89 10.42
CA ILE A 16 2.84 16.57 9.12
C ILE A 16 3.06 15.07 8.92
N LEU A 17 2.62 14.58 7.76
CA LEU A 17 2.89 13.20 7.34
C LEU A 17 4.07 13.17 6.39
N GLY A 18 4.99 12.23 6.62
CA GLY A 18 6.07 11.93 5.69
C GLY A 18 5.78 10.63 4.96
N VAL A 19 5.97 10.62 3.65
CA VAL A 19 5.75 9.43 2.82
C VAL A 19 7.02 9.04 2.09
N LEU A 20 7.63 7.94 2.51
CA LEU A 20 8.71 7.33 1.75
C LEU A 20 8.06 6.48 0.66
N GLY A 21 8.05 7.02 -0.57
CA GLY A 21 7.39 6.38 -1.72
C GLY A 21 8.28 6.31 -2.93
N GLY A 22 7.65 6.27 -4.10
CA GLY A 22 8.32 6.03 -5.38
C GLY A 22 8.39 4.55 -5.75
N MET A 23 8.00 3.69 -4.80
CA MET A 23 8.02 2.25 -5.01
C MET A 23 6.61 1.95 -5.49
N GLY A 24 6.45 2.25 -6.77
CA GLY A 24 5.19 2.62 -7.40
C GLY A 24 5.11 4.14 -7.47
N PRO A 25 5.92 4.80 -8.36
CA PRO A 25 5.86 6.26 -8.49
C PRO A 25 4.51 6.79 -9.00
N VAL A 26 3.84 6.01 -9.84
CA VAL A 26 2.50 6.33 -10.31
C VAL A 26 1.53 6.34 -9.14
N VAL A 27 1.66 5.34 -8.27
CA VAL A 27 0.79 5.19 -7.09
C VAL A 27 1.07 6.29 -6.11
N THR A 28 2.35 6.52 -5.87
CA THR A 28 2.83 7.58 -5.02
C THR A 28 2.16 8.91 -5.36
N ALA A 29 2.16 9.27 -6.64
CA ALA A 29 1.50 10.49 -7.10
C ALA A 29 0.01 10.40 -6.82
N GLU A 30 -0.62 9.31 -7.25
CA GLU A 30 -2.07 9.14 -7.12
C GLU A 30 -2.54 9.13 -5.67
N PHE A 31 -1.69 8.60 -4.78
CA PHE A 31 -1.94 8.57 -3.34
C PHE A 31 -2.06 9.96 -2.73
N LEU A 32 -1.11 10.83 -3.10
CA LEU A 32 -1.13 12.24 -2.71
C LEU A 32 -2.39 12.93 -3.25
N LYS A 33 -2.74 12.63 -4.49
CA LYS A 33 -3.96 13.15 -5.08
C LYS A 33 -5.19 12.75 -4.22
N SER A 34 -5.22 11.50 -3.76
CA SER A 34 -6.29 10.99 -2.87
C SER A 34 -6.40 11.76 -1.57
N ILE A 35 -5.25 12.08 -0.99
CA ILE A 35 -5.20 12.79 0.29
C ILE A 35 -5.98 14.10 0.20
N TYR A 36 -5.86 14.80 -0.91
CA TYR A 36 -6.55 16.06 -1.09
C TYR A 36 -7.96 15.88 -1.62
N GLU A 37 -8.19 14.82 -2.39
CA GLU A 37 -9.57 14.44 -2.78
C GLU A 37 -10.44 14.12 -1.58
N TYR A 38 -9.90 13.34 -0.64
CA TYR A 38 -10.66 12.93 0.53
C TYR A 38 -10.54 13.87 1.73
N ASN A 39 -9.86 15.01 1.58
CA ASN A 39 -9.85 16.07 2.59
C ASN A 39 -9.99 17.45 1.94
N PRO A 40 -11.12 17.69 1.25
CA PRO A 40 -11.33 18.97 0.58
C PRO A 40 -11.73 20.05 1.55
N PHE A 41 -10.97 21.15 1.59
CA PHE A 41 -11.21 22.28 2.49
C PHE A 41 -12.60 22.90 2.34
N ILE A 42 -13.02 23.62 3.38
CA ILE A 42 -14.32 24.26 3.42
C ILE A 42 -14.22 25.69 2.90
N ASP A 43 -13.33 26.47 3.51
CA ASP A 43 -13.18 27.90 3.22
C ASP A 43 -11.77 28.23 2.71
N LYS A 44 -10.76 27.85 3.47
CA LYS A 44 -9.35 28.16 3.17
C LYS A 44 -8.52 26.90 2.93
N GLU A 45 -7.62 26.94 1.96
CA GLU A 45 -6.63 25.86 1.73
C GLU A 45 -5.76 25.58 2.93
N GLN A 46 -5.48 26.62 3.73
CA GLN A 46 -4.65 26.49 4.94
C GLN A 46 -5.07 25.28 5.79
N GLU A 47 -6.39 25.09 5.87
CA GLU A 47 -7.02 23.89 6.45
C GLU A 47 -6.34 22.58 6.06
N SER A 48 -6.08 22.40 4.76
CA SER A 48 -5.78 21.09 4.16
C SER A 48 -4.50 20.42 4.68
N PRO A 49 -4.43 19.06 4.53
CA PRO A 49 -3.31 18.19 4.91
C PRO A 49 -1.90 18.64 4.51
N ASN A 50 -0.96 18.58 5.45
CA ASN A 50 0.45 18.89 5.20
C ASN A 50 1.27 17.61 5.01
N VAL A 51 1.68 17.35 3.77
CA VAL A 51 2.38 16.11 3.40
C VAL A 51 3.79 16.41 2.87
N ILE A 52 4.73 15.51 3.17
CA ILE A 52 6.04 15.46 2.52
C ILE A 52 6.14 14.12 1.81
N VAL A 53 6.54 14.15 0.54
CA VAL A 53 6.68 12.96 -0.30
C VAL A 53 8.10 12.79 -0.80
N PHE A 54 8.76 11.73 -0.35
CA PHE A 54 10.02 11.27 -0.94
C PHE A 54 9.67 10.26 -2.02
N SER A 55 9.58 10.73 -3.27
CA SER A 55 9.30 9.86 -4.42
C SER A 55 10.62 9.47 -5.07
N PHE A 56 11.10 8.27 -4.75
CA PHE A 56 12.35 7.75 -5.30
C PHE A 56 12.13 6.40 -5.98
N PRO A 57 11.88 6.41 -7.30
CA PRO A 57 11.81 5.17 -8.09
C PRO A 57 13.10 4.36 -8.08
N SER A 58 14.23 5.07 -7.97
CA SER A 58 15.57 4.47 -7.91
C SER A 58 15.83 3.50 -6.75
N ALA A 59 14.93 3.45 -5.76
CA ALA A 59 14.95 2.41 -4.74
C ALA A 59 15.19 1.03 -5.39
N PRO A 60 16.18 0.25 -4.90
CA PRO A 60 16.51 -1.03 -5.55
C PRO A 60 15.32 -1.97 -5.63
N ASP A 61 15.13 -2.62 -6.78
CA ASP A 61 13.90 -3.37 -7.06
C ASP A 61 13.54 -4.25 -5.86
N ARG A 62 12.29 -4.14 -5.39
CA ARG A 62 11.90 -4.70 -4.09
C ARG A 62 11.79 -6.22 -4.15
N THR A 63 11.01 -6.71 -5.12
CA THR A 63 10.90 -8.15 -5.44
C THR A 63 12.23 -8.72 -6.01
N GLY A 64 13.03 -7.86 -6.64
CA GLY A 64 14.35 -8.23 -7.19
C GLY A 64 15.53 -8.06 -6.24
N SER A 65 15.35 -7.35 -5.11
CA SER A 65 16.36 -7.26 -4.04
C SER A 65 16.42 -8.53 -3.19
N ILE A 66 15.29 -9.25 -3.15
CA ILE A 66 15.18 -10.52 -2.40
C ILE A 66 15.87 -11.65 -3.19
N ASP A 67 15.74 -11.61 -4.52
CA ASP A 67 16.29 -12.64 -5.42
C ASP A 67 17.77 -12.42 -5.85
N SER A 68 18.46 -11.46 -5.21
CA SER A 68 19.91 -11.25 -5.39
C SER A 68 20.61 -11.17 -4.03
N GLY A 69 21.94 -11.02 -4.05
CA GLY A 69 22.74 -10.96 -2.84
C GLY A 69 22.54 -9.74 -1.95
N LYS A 70 22.16 -8.60 -2.55
CA LYS A 70 22.11 -7.31 -1.84
C LYS A 70 20.71 -6.81 -1.47
N GLU A 71 20.11 -7.49 -0.48
CA GLU A 71 19.08 -6.90 0.38
C GLU A 71 19.73 -5.89 1.32
N ARG A 72 21.04 -6.05 1.57
CA ARG A 72 21.87 -5.10 2.33
C ARG A 72 21.76 -3.67 1.78
N GLU A 73 21.83 -3.53 0.46
CA GLU A 73 21.68 -2.23 -0.21
C GLU A 73 20.30 -1.62 0.05
N PHE A 74 19.24 -2.44 -0.02
CA PHE A 74 17.87 -1.96 0.14
C PHE A 74 17.55 -1.46 1.55
N ILE A 75 18.00 -2.19 2.56
CA ILE A 75 17.69 -1.83 3.94
C ILE A 75 18.32 -0.48 4.27
N ASP A 76 19.53 -0.25 3.74
CA ASP A 76 20.25 1.03 3.90
C ASP A 76 19.41 2.18 3.36
N PHE A 77 18.94 2.03 2.12
CA PHE A 77 18.07 3.02 1.48
C PHE A 77 16.95 3.52 2.40
N ILE A 78 16.26 2.57 3.05
CA ILE A 78 15.12 2.89 3.91
C ILE A 78 15.60 3.65 5.15
N GLN A 79 16.59 3.07 5.82
CA GLN A 79 17.18 3.65 7.04
C GLN A 79 17.61 5.10 6.86
N VAL A 80 18.34 5.36 5.77
CA VAL A 80 18.82 6.71 5.42
C VAL A 80 17.64 7.67 5.36
N ASN A 81 16.63 7.29 4.58
CA ASN A 81 15.47 8.16 4.34
C ASN A 81 14.56 8.31 5.55
N LEU A 82 14.48 7.27 6.39
CA LEU A 82 13.76 7.38 7.66
C LEU A 82 14.43 8.34 8.63
N GLU A 83 15.77 8.29 8.70
CA GLU A 83 16.55 9.23 9.51
C GLU A 83 16.20 10.67 9.15
N HIS A 84 16.11 10.94 7.84
CA HIS A 84 15.67 12.24 7.35
C HIS A 84 14.24 12.54 7.79
N LEU A 85 13.32 11.68 7.39
CA LEU A 85 11.89 11.93 7.62
C LEU A 85 11.49 12.04 9.10
N ASN A 86 12.20 11.34 9.98
CA ASN A 86 11.98 11.45 11.44
C ASN A 86 12.10 12.88 11.95
N LYS A 87 13.00 13.67 11.34
CA LYS A 87 13.16 15.09 11.70
C LYS A 87 12.01 15.96 11.16
N LEU A 88 11.69 15.77 9.88
CA LEU A 88 10.76 16.65 9.14
C LEU A 88 9.27 16.31 9.30
N ALA A 89 8.96 15.06 9.68
CA ALA A 89 7.56 14.62 9.82
C ALA A 89 7.24 14.22 11.25
N ASP A 90 5.94 14.15 11.52
CA ASP A 90 5.42 13.66 12.80
C ASP A 90 5.05 12.19 12.69
N CYS A 91 4.33 11.84 11.61
CA CYS A 91 4.01 10.44 11.26
C CYS A 91 4.65 10.07 9.93
N ILE A 92 4.92 8.78 9.76
CA ILE A 92 5.61 8.28 8.57
C ILE A 92 4.91 7.04 8.02
N VAL A 93 4.84 6.97 6.69
CA VAL A 93 4.20 5.87 5.96
C VAL A 93 5.13 5.46 4.82
N ILE A 94 5.26 4.16 4.60
CA ILE A 94 6.03 3.65 3.46
C ILE A 94 5.06 3.17 2.40
N GLY A 95 5.16 3.75 1.20
CA GLY A 95 4.20 3.47 0.12
C GLY A 95 4.47 2.20 -0.65
N SER A 96 4.77 1.14 0.09
CA SER A 96 5.02 -0.20 -0.45
C SER A 96 4.84 -1.17 0.71
N CYS A 97 3.95 -2.14 0.55
CA CYS A 97 3.82 -3.21 1.51
C CYS A 97 5.10 -4.05 1.60
N THR A 98 5.49 -4.72 0.53
CA THR A 98 6.70 -5.46 0.60
C THR A 98 7.71 -4.72 1.44
N ALA A 99 8.06 -3.53 0.99
CA ALA A 99 9.08 -2.69 1.64
C ALA A 99 9.13 -2.74 3.17
N HIS A 100 8.02 -3.09 3.82
CA HIS A 100 7.98 -3.26 5.27
C HIS A 100 8.89 -4.42 5.78
N TYR A 101 9.26 -5.34 4.90
CA TYR A 101 10.14 -6.47 5.26
C TYR A 101 11.49 -6.09 5.85
N ALA A 102 11.94 -4.87 5.56
CA ALA A 102 13.18 -4.33 6.12
C ALA A 102 13.08 -3.80 7.55
N LEU A 103 11.87 -3.67 8.10
CA LEU A 103 11.68 -3.03 9.41
C LEU A 103 12.21 -3.80 10.63
N PRO A 104 12.38 -5.12 10.53
CA PRO A 104 13.18 -5.82 11.54
C PRO A 104 14.60 -5.29 11.70
N GLN A 105 15.22 -4.89 10.58
CA GLN A 105 16.61 -4.47 10.55
C GLN A 105 16.85 -3.02 10.99
N ILE A 106 15.79 -2.22 11.11
CA ILE A 106 15.89 -0.80 11.46
C ILE A 106 15.81 -0.65 12.97
N PRO A 107 16.64 0.24 13.57
CA PRO A 107 16.51 0.56 14.99
C PRO A 107 15.16 1.15 15.33
N GLU A 108 14.66 0.78 16.51
CA GLU A 108 13.26 0.98 16.91
C GLU A 108 12.85 2.47 16.96
N ASN A 109 13.82 3.33 17.30
CA ASN A 109 13.60 4.79 17.34
C ASN A 109 13.13 5.43 16.02
N LEU A 110 13.64 4.93 14.89
CA LEU A 110 13.21 5.41 13.57
C LEU A 110 11.77 4.98 13.23
N LYS A 111 11.34 3.84 13.76
CA LYS A 111 9.99 3.32 13.56
C LYS A 111 8.94 3.81 14.57
N ASP A 112 9.33 4.70 15.49
CA ASP A 112 8.39 5.33 16.45
C ASP A 112 7.23 6.06 15.78
N LYS A 113 7.53 6.71 14.66
CA LYS A 113 6.56 7.52 13.92
C LYS A 113 5.80 6.75 12.85
N LEU A 114 6.15 5.47 12.68
CA LEU A 114 5.69 4.69 11.54
C LEU A 114 4.21 4.31 11.61
N ILE A 115 3.61 4.10 10.45
CA ILE A 115 2.24 3.61 10.31
C ILE A 115 2.29 2.44 9.32
N SER A 116 2.18 1.22 9.83
CA SER A 116 2.29 0.02 9.00
C SER A 116 1.04 -0.15 8.14
N LEU A 117 1.25 -0.18 6.83
CA LEU A 117 0.22 -0.58 5.87
C LEU A 117 -0.39 -1.96 6.20
N ILE A 118 0.40 -2.84 6.83
CA ILE A 118 -0.07 -4.16 7.23
C ILE A 118 -1.05 -4.02 8.41
N LYS A 119 -0.69 -3.20 9.39
CA LYS A 119 -1.58 -2.92 10.52
C LYS A 119 -2.90 -2.28 10.12
N ILE A 120 -2.86 -1.36 9.15
CA ILE A 120 -4.08 -0.69 8.68
C ILE A 120 -5.00 -1.70 8.01
N ALA A 121 -4.42 -2.52 7.12
CA ALA A 121 -5.14 -3.62 6.48
C ALA A 121 -5.71 -4.61 7.48
N ASP A 122 -4.96 -4.86 8.55
CA ASP A 122 -5.39 -5.77 9.60
C ASP A 122 -6.64 -5.27 10.34
N GLN A 123 -6.65 -3.99 10.72
CA GLN A 123 -7.81 -3.38 11.39
C GLN A 123 -9.05 -3.37 10.53
N GLU A 124 -8.85 -2.97 9.27
CA GLU A 124 -9.93 -2.91 8.30
C GLU A 124 -10.58 -4.28 8.12
N LEU A 125 -9.74 -5.31 7.97
CA LEU A 125 -10.24 -6.67 7.82
C LEU A 125 -10.96 -7.17 9.06
N GLN A 126 -10.51 -6.77 10.25
CA GLN A 126 -11.18 -7.16 11.49
C GLN A 126 -12.61 -6.65 11.56
N GLU A 127 -12.82 -5.40 11.15
CA GLU A 127 -14.15 -4.82 11.15
C GLU A 127 -15.01 -5.45 10.07
N TYR A 128 -14.49 -5.54 8.84
CA TYR A 128 -15.23 -6.16 7.74
C TYR A 128 -15.59 -7.62 8.05
N ASN A 129 -14.58 -8.38 8.49
CA ASN A 129 -14.77 -9.71 9.08
C ASN A 129 -15.43 -10.76 8.16
N GLU A 130 -15.03 -10.75 6.89
CA GLU A 130 -15.35 -11.82 5.95
C GLU A 130 -14.06 -12.22 5.26
N PRO A 131 -13.98 -13.45 4.73
CA PRO A 131 -12.83 -13.82 3.93
C PRO A 131 -12.56 -12.84 2.80
N THR A 132 -11.30 -12.49 2.60
CA THR A 132 -10.89 -11.44 1.66
C THR A 132 -9.59 -11.82 0.98
N LEU A 133 -9.55 -11.60 -0.33
CA LEU A 133 -8.46 -12.07 -1.18
C LEU A 133 -7.26 -11.12 -1.15
N LEU A 134 -6.10 -11.64 -0.73
CA LEU A 134 -4.87 -10.84 -0.68
C LEU A 134 -4.27 -10.72 -2.08
N LEU A 135 -4.52 -9.60 -2.73
CA LEU A 135 -3.97 -9.34 -4.06
C LEU A 135 -2.54 -8.79 -3.96
N ALA A 136 -1.57 -9.64 -4.27
CA ALA A 136 -0.17 -9.29 -4.11
C ALA A 136 0.73 -10.08 -5.07
N SER A 137 1.90 -9.52 -5.37
CA SER A 137 2.88 -10.18 -6.25
C SER A 137 3.57 -11.32 -5.52
N THR A 138 4.15 -12.23 -6.30
CA THR A 138 4.92 -13.37 -5.77
C THR A 138 5.96 -12.94 -4.72
N GLY A 139 6.65 -11.84 -4.98
CA GLY A 139 7.67 -11.30 -4.05
C GLY A 139 7.10 -10.74 -2.76
N THR A 140 5.95 -10.09 -2.84
CA THR A 140 5.22 -9.62 -1.66
C THR A 140 4.84 -10.81 -0.75
N TYR A 141 4.37 -11.90 -1.39
CA TYR A 141 4.04 -13.16 -0.71
C TYR A 141 5.23 -13.87 -0.10
N GLN A 142 6.36 -13.89 -0.81
CA GLN A 142 7.61 -14.51 -0.32
C GLN A 142 8.01 -13.99 1.05
N LYS A 143 7.75 -12.70 1.28
CA LYS A 143 8.05 -12.06 2.55
C LYS A 143 7.04 -12.35 3.67
N LYS A 144 5.88 -12.89 3.31
CA LYS A 144 4.90 -13.38 4.30
C LYS A 144 4.51 -12.29 5.29
N LEU A 145 4.43 -11.06 4.80
CA LEU A 145 4.20 -9.90 5.67
C LEU A 145 2.82 -9.94 6.28
N PHE A 146 1.84 -10.38 5.51
CA PHE A 146 0.46 -10.43 5.97
C PHE A 146 0.19 -11.65 6.84
N GLN A 147 0.71 -12.80 6.45
CA GLN A 147 0.52 -14.02 7.24
C GLN A 147 1.12 -13.96 8.65
N GLU A 148 2.22 -13.23 8.79
CA GLU A 148 2.87 -13.04 10.08
C GLU A 148 2.32 -11.81 10.80
N GLY A 149 2.15 -10.72 10.05
CA GLY A 149 1.74 -9.43 10.61
C GLY A 149 0.30 -9.26 11.07
N CYS A 150 -0.66 -9.82 10.34
CA CYS A 150 -2.07 -9.65 10.67
C CYS A 150 -2.55 -10.60 11.78
N THR A 151 -3.35 -10.06 12.69
CA THR A 151 -4.16 -10.85 13.62
C THR A 151 -5.32 -11.53 12.89
N THR A 152 -5.84 -10.85 11.88
CA THR A 152 -6.96 -11.37 11.09
C THR A 152 -6.50 -12.32 9.98
N ALA A 153 -5.37 -13.00 10.18
CA ALA A 153 -4.72 -13.77 9.10
C ALA A 153 -5.54 -14.98 8.60
N ASP A 154 -6.34 -15.59 9.47
CA ASP A 154 -7.19 -16.71 9.07
C ASP A 154 -8.27 -16.31 8.05
N LEU A 155 -8.68 -15.03 8.08
CA LEU A 155 -9.60 -14.46 7.07
C LEU A 155 -8.95 -14.09 5.72
N ILE A 156 -7.62 -14.06 5.67
CA ILE A 156 -6.91 -13.76 4.45
C ILE A 156 -6.87 -15.02 3.58
N ILE A 157 -7.37 -14.90 2.35
CA ILE A 157 -7.24 -15.94 1.35
C ILE A 157 -5.97 -15.66 0.56
N SER A 158 -4.99 -16.57 0.66
CA SER A 158 -3.77 -16.49 -0.15
C SER A 158 -4.04 -16.98 -1.56
N LEU A 159 -3.54 -16.24 -2.55
CA LEU A 159 -3.60 -16.68 -3.95
C LEU A 159 -2.74 -17.91 -4.18
N SER A 160 -3.07 -18.66 -5.23
CA SER A 160 -2.19 -19.72 -5.72
C SER A 160 -0.94 -19.07 -6.32
N GLU A 161 0.17 -19.78 -6.28
CA GLU A 161 1.44 -19.29 -6.86
C GLU A 161 1.27 -18.88 -8.31
N SER A 162 0.46 -19.65 -9.05
CA SER A 162 0.08 -19.35 -10.43
C SER A 162 -0.54 -17.95 -10.59
N ASP A 163 -1.57 -17.71 -9.78
CA ASP A 163 -2.29 -16.43 -9.79
C ASP A 163 -1.47 -15.26 -9.24
N GLN A 164 -0.50 -15.54 -8.37
CA GLN A 164 0.42 -14.51 -7.91
C GLN A 164 1.24 -13.92 -9.06
N LYS A 165 1.61 -14.77 -10.02
CA LYS A 165 2.35 -14.34 -11.20
C LYS A 165 1.48 -13.59 -12.19
N LEU A 166 0.21 -13.97 -12.28
CA LEU A 166 -0.75 -13.23 -13.12
C LEU A 166 -1.00 -11.82 -12.56
N ILE A 167 -0.90 -11.70 -11.23
CA ILE A 167 -1.00 -10.40 -10.55
C ILE A 167 0.30 -9.61 -10.69
N HIS A 168 1.43 -10.31 -10.71
CA HIS A 168 2.71 -9.69 -11.04
C HIS A 168 2.64 -9.06 -12.42
N GLU A 169 2.03 -9.75 -13.39
CA GLU A 169 1.85 -9.19 -14.72
C GLU A 169 1.07 -7.89 -14.63
N MET A 170 -0.13 -7.95 -14.06
CA MET A 170 -1.00 -6.77 -13.94
C MET A 170 -0.28 -5.58 -13.33
N ILE A 171 0.37 -5.81 -12.20
CA ILE A 171 1.06 -4.74 -11.48
C ILE A 171 2.10 -4.07 -12.36
N TYR A 172 3.05 -4.87 -12.84
CA TYR A 172 4.19 -4.35 -13.58
C TYR A 172 3.87 -3.96 -15.03
N LYS A 173 3.14 -4.81 -15.75
CA LYS A 173 2.81 -4.55 -17.17
C LYS A 173 1.71 -3.50 -17.39
N VAL A 174 0.80 -3.34 -16.44
CA VAL A 174 -0.36 -2.44 -16.61
C VAL A 174 -0.37 -1.30 -15.61
N LEU A 175 -0.48 -1.63 -14.32
CA LEU A 175 -0.70 -0.62 -13.29
C LEU A 175 0.49 0.33 -13.12
N LYS A 176 1.68 -0.24 -12.92
CA LYS A 176 2.93 0.54 -12.78
C LYS A 176 3.26 1.40 -14.00
N ARG A 177 2.86 0.95 -15.20
CA ARG A 177 3.09 1.71 -16.44
C ARG A 177 2.04 2.81 -16.67
N GLY A 178 1.15 3.03 -15.71
CA GLY A 178 0.22 4.15 -15.76
C GLY A 178 -0.96 3.98 -16.68
N HIS A 179 -1.26 2.74 -17.06
CA HIS A 179 -2.41 2.46 -17.93
C HIS A 179 -3.67 2.38 -17.09
N ASP A 180 -4.82 2.42 -17.75
CA ASP A 180 -6.12 2.45 -17.08
C ASP A 180 -6.31 1.21 -16.19
N PRO A 181 -6.45 1.41 -14.85
CA PRO A 181 -6.70 0.29 -13.93
C PRO A 181 -7.96 -0.54 -14.22
N LEU A 182 -8.97 0.08 -14.83
CA LEU A 182 -10.19 -0.65 -15.17
C LEU A 182 -9.97 -1.76 -16.19
N SER A 183 -8.93 -1.66 -17.01
CA SER A 183 -8.63 -2.74 -17.96
C SER A 183 -8.47 -4.09 -17.27
N ILE A 184 -7.82 -4.12 -16.11
CA ILE A 184 -7.64 -5.37 -15.37
C ILE A 184 -8.90 -5.86 -14.63
N LEU A 185 -9.88 -4.99 -14.45
CA LEU A 185 -11.09 -5.29 -13.66
C LEU A 185 -11.73 -6.64 -13.96
N ARG A 186 -11.92 -6.93 -15.24
CA ARG A 186 -12.53 -8.21 -15.66
C ARG A 186 -11.74 -9.41 -15.12
N ASP A 187 -10.42 -9.33 -15.20
CA ASP A 187 -9.53 -10.39 -14.67
C ASP A 187 -9.60 -10.49 -13.15
N ILE A 188 -9.85 -9.37 -12.48
CA ILE A 188 -9.99 -9.33 -11.02
C ILE A 188 -11.35 -9.87 -10.56
N GLU A 189 -12.42 -9.49 -11.25
CA GLU A 189 -13.74 -10.06 -10.98
C GLU A 189 -13.68 -11.59 -11.10
N ALA A 190 -12.97 -12.08 -12.11
CA ALA A 190 -12.77 -13.52 -12.33
C ALA A 190 -12.14 -14.22 -11.13
N LEU A 191 -11.04 -13.66 -10.63
CA LEU A 191 -10.36 -14.19 -9.44
C LEU A 191 -11.26 -14.19 -8.21
N LEU A 192 -12.00 -13.09 -8.03
CA LEU A 192 -12.90 -12.96 -6.91
C LEU A 192 -13.95 -14.06 -6.88
N GLU A 193 -14.51 -14.42 -8.04
CA GLU A 193 -15.45 -15.54 -8.13
C GLU A 193 -14.75 -16.88 -7.87
N LYS A 194 -13.55 -17.05 -8.44
CA LYS A 194 -12.76 -18.28 -8.25
C LYS A 194 -12.54 -18.55 -6.76
N TYR A 195 -11.82 -17.65 -6.09
CA TYR A 195 -11.54 -17.76 -4.66
C TYR A 195 -12.76 -17.42 -3.78
N ASN A 196 -13.84 -16.97 -4.43
CA ASN A 196 -15.19 -17.01 -3.87
C ASN A 196 -15.38 -15.98 -2.77
N THR A 197 -15.04 -14.73 -3.09
CA THR A 197 -15.33 -13.58 -2.24
C THR A 197 -15.83 -12.44 -3.11
N ARG A 198 -16.29 -11.38 -2.44
CA ARG A 198 -16.61 -10.12 -3.08
C ARG A 198 -15.78 -9.05 -2.39
N SER A 199 -14.50 -9.35 -2.15
CA SER A 199 -13.60 -8.43 -1.45
C SER A 199 -12.12 -8.73 -1.67
N TYR A 200 -11.29 -7.68 -1.57
CA TYR A 200 -9.86 -7.80 -1.78
C TYR A 200 -9.02 -6.89 -0.89
N ILE A 201 -7.77 -7.28 -0.69
CA ILE A 201 -6.78 -6.47 0.02
C ILE A 201 -5.72 -6.00 -0.97
N SER A 202 -5.46 -4.72 -1.02
CA SER A 202 -4.44 -4.29 -1.94
C SER A 202 -3.13 -4.58 -1.28
N GLY A 203 -2.73 -5.85 -1.29
CA GLY A 203 -1.45 -6.27 -0.74
C GLY A 203 -0.37 -5.45 -1.38
N CYS A 204 -0.42 -5.38 -2.70
CA CYS A 204 0.50 -4.60 -3.49
C CYS A 204 -0.17 -3.27 -3.55
N THR A 205 0.55 -2.23 -3.23
CA THR A 205 -0.10 -0.91 -3.19
C THR A 205 -0.70 -0.42 -4.50
N GLU A 206 -0.23 -0.90 -5.62
CA GLU A 206 -0.73 -0.44 -6.87
C GLU A 206 -2.24 -0.50 -6.95
N PHE A 207 -2.83 -1.44 -6.25
CA PHE A 207 -4.28 -1.55 -6.26
C PHE A 207 -4.99 -0.38 -5.58
N HIS A 208 -4.24 0.59 -5.08
CA HIS A 208 -4.81 1.90 -4.78
C HIS A 208 -5.44 2.47 -6.06
N LEU A 209 -4.72 2.31 -7.17
CA LEU A 209 -5.14 2.82 -8.48
C LEU A 209 -6.45 2.20 -8.92
N LEU A 210 -6.59 0.90 -8.69
CA LEU A 210 -7.83 0.19 -8.97
C LEU A 210 -8.95 0.65 -8.02
N THR A 211 -8.65 0.64 -6.72
CA THR A 211 -9.61 1.02 -5.68
C THR A 211 -10.32 2.32 -6.04
N LYS A 212 -9.54 3.32 -6.43
CA LYS A 212 -10.08 4.60 -6.92
C LYS A 212 -10.98 4.42 -8.12
N SER A 213 -10.45 3.81 -9.18
CA SER A 213 -11.20 3.62 -10.41
C SER A 213 -12.56 2.91 -10.22
N LEU A 214 -12.64 2.04 -9.22
CA LEU A 214 -13.91 1.39 -8.85
C LEU A 214 -14.88 2.35 -8.17
N LYS A 215 -14.37 3.08 -7.19
CA LYS A 215 -15.13 4.11 -6.46
C LYS A 215 -15.65 5.20 -7.40
N LEU A 216 -14.78 5.62 -8.32
CA LEU A 216 -15.13 6.55 -9.39
C LEU A 216 -16.32 6.06 -10.22
N LYS A 217 -16.28 4.79 -10.63
CA LYS A 217 -17.38 4.15 -11.37
C LYS A 217 -18.61 3.80 -10.52
N GLY A 218 -18.48 3.89 -9.21
CA GLY A 218 -19.58 3.56 -8.30
C GLY A 218 -19.89 2.08 -8.29
N ILE A 219 -18.87 1.26 -8.48
CA ILE A 219 -19.00 -0.19 -8.48
C ILE A 219 -18.84 -0.66 -7.02
N ASP A 220 -19.97 -0.86 -6.35
CA ASP A 220 -20.01 -1.18 -4.91
C ASP A 220 -20.11 -2.68 -4.63
N SER A 221 -20.22 -3.49 -5.68
CA SER A 221 -20.26 -4.96 -5.57
C SER A 221 -19.04 -5.53 -4.82
N ILE A 222 -17.89 -4.89 -4.99
CA ILE A 222 -16.62 -5.30 -4.36
C ILE A 222 -16.31 -4.41 -3.15
N LYS A 223 -15.80 -5.04 -2.09
CA LYS A 223 -15.32 -4.35 -0.89
C LYS A 223 -13.80 -4.34 -0.93
N ALA A 224 -13.21 -3.16 -1.03
CA ALA A 224 -11.76 -3.04 -1.15
C ALA A 224 -11.14 -2.66 0.18
N ILE A 225 -10.20 -3.47 0.66
CA ILE A 225 -9.39 -3.11 1.84
C ILE A 225 -8.08 -2.51 1.34
N ASP A 226 -8.13 -1.21 1.06
CA ASP A 226 -7.00 -0.47 0.52
C ASP A 226 -6.44 0.49 1.60
N PRO A 227 -5.25 0.17 2.16
CA PRO A 227 -4.67 0.98 3.25
C PRO A 227 -4.46 2.46 2.91
N LEU A 228 -4.02 2.70 1.68
CA LEU A 228 -3.76 4.06 1.21
C LEU A 228 -5.03 4.92 1.15
N SER A 229 -6.15 4.32 0.73
CA SER A 229 -7.46 4.96 0.82
C SER A 229 -7.78 5.27 2.27
N THR A 230 -7.67 4.24 3.11
CA THR A 230 -7.97 4.33 4.53
C THR A 230 -7.17 5.43 5.23
N ILE A 231 -5.89 5.57 4.86
CA ILE A 231 -5.06 6.65 5.40
C ILE A 231 -5.59 8.01 4.96
N ALA A 232 -5.68 8.18 3.64
CA ALA A 232 -6.12 9.43 3.05
C ALA A 232 -7.39 9.93 3.71
N GLN A 233 -8.38 9.05 3.84
CA GLN A 233 -9.69 9.43 4.38
C GLN A 233 -9.67 9.86 5.85
N ASN A 234 -8.88 9.15 6.64
CA ASN A 234 -8.81 9.39 8.08
C ASN A 234 -7.53 10.14 8.44
N PHE A 235 -7.09 11.04 7.56
CA PHE A 235 -5.86 11.82 7.79
C PHE A 235 -6.02 12.68 9.03
N SER A 236 -7.14 13.39 9.11
CA SER A 236 -7.50 14.26 10.23
C SER A 236 -7.38 13.57 11.58
N GLN A 237 -7.72 12.28 11.64
CA GLN A 237 -7.63 11.49 12.88
C GLN A 237 -6.24 10.92 13.07
N LEU A 238 -5.73 10.23 12.07
CA LEU A 238 -4.51 9.42 12.20
C LEU A 238 -3.21 10.18 12.49
N ILE A 239 -3.12 11.44 12.09
CA ILE A 239 -1.85 12.19 12.11
C ILE A 239 -1.70 13.12 13.33
N ILE A 240 -0.78 12.76 14.24
CA ILE A 240 -0.52 13.49 15.49
C ILE A 240 0.98 13.76 15.61
#